data_5J4T
#
_entry.id   5J4T
#
_cell.length_a   58.310
_cell.length_b   80.650
_cell.length_c   62.850
_cell.angle_alpha   90.00
_cell.angle_beta   107.90
_cell.angle_gamma   90.00
#
_symmetry.space_group_name_H-M   'P 1 21 1'
#
loop_
_entity.id
_entity.type
_entity.pdbx_description
1 polymer 'Agglutinin alpha chain'
2 polymer 'Agglutinin beta-3 chain'
3 branched '2-acetamido-2-deoxy-beta-D-glucopyranose-(1-3)-methyl beta-D-galactopyranoside'
4 non-polymer 1,2-ETHANEDIOL
5 non-polymer DI(HYDROXYETHYL)ETHER
6 non-polymer 'methyl beta-D-galactopyranoside'
7 water water
#
loop_
_entity_poly.entity_id
_entity_poly.type
_entity_poly.pdbx_seq_one_letter_code
_entity_poly.pdbx_strand_id
1 'polypeptide(L)'
;GKAFDDGAFTGIREINLSYNKETAIGDFQVVYDLNGSPYVGQNHKSFITGFTPVKISLDFPSEYIMEVSGYTGNVSGYVV
VRSLTFKTNKKTYGPYGVTSGTPFNLPIENGLIVGFKGSIGYWLDYFSMYLSL
;
A,C,E,G
2 'polypeptide(L)' EQSGISQTVIVGPWGAKVS B,D,F,H
#
# COMPACT_ATOMS: atom_id res chain seq x y z
N GLY A 1 -11.67 15.56 26.10
CA GLY A 1 -11.47 16.46 24.92
C GLY A 1 -12.34 16.13 23.71
N LYS A 2 -12.41 17.06 22.75
CA LYS A 2 -13.16 16.79 21.53
C LYS A 2 -12.28 16.06 20.51
N ALA A 3 -12.78 14.93 20.01
CA ALA A 3 -12.13 14.14 19.03
C ALA A 3 -12.05 14.83 17.66
N PHE A 4 -10.93 14.68 16.99
CA PHE A 4 -10.86 15.04 15.57
C PHE A 4 -10.20 13.95 14.76
N ASP A 5 -10.46 13.92 13.44
CA ASP A 5 -9.87 12.88 12.60
C ASP A 5 -9.86 13.46 11.19
N ASP A 6 -8.72 13.96 10.77
CA ASP A 6 -8.68 14.61 9.46
C ASP A 6 -8.90 13.62 8.32
N GLY A 7 -8.53 12.34 8.56
CA GLY A 7 -8.43 11.35 7.44
C GLY A 7 -7.05 11.36 6.81
N ALA A 8 -6.93 10.73 5.63
CA ALA A 8 -5.66 10.54 4.92
C ALA A 8 -5.59 11.33 3.60
N PHE A 9 -4.39 11.87 3.30
CA PHE A 9 -4.21 12.74 2.15
C PHE A 9 -3.02 12.29 1.37
N THR A 10 -2.47 13.17 0.53
CA THR A 10 -1.35 12.86 -0.29
C THR A 10 -0.03 13.26 0.37
N GLY A 11 -0.08 14.11 1.40
CA GLY A 11 1.14 14.78 1.83
C GLY A 11 0.83 15.86 2.85
N ILE A 12 1.86 16.53 3.32
CA ILE A 12 1.73 17.61 4.30
C ILE A 12 2.47 18.87 3.83
N ARG A 13 1.76 19.98 3.74
CA ARG A 13 2.36 21.21 3.22
C ARG A 13 2.70 22.13 4.39
N GLU A 14 1.82 22.13 5.42
CA GLU A 14 1.97 23.02 6.51
C GLU A 14 1.31 22.54 7.78
N ILE A 15 1.94 22.80 8.91
CA ILE A 15 1.29 22.53 10.20
C ILE A 15 1.19 23.82 11.01
N ASN A 16 0.02 24.07 11.61
CA ASN A 16 -0.26 25.25 12.46
C ASN A 16 -0.68 24.77 13.80
N LEU A 17 0.21 24.94 14.81
CA LEU A 17 -0.14 24.40 16.14
C LEU A 17 0.10 25.54 17.13
N SER A 18 -0.39 25.39 18.35
CA SER A 18 0.00 26.42 19.32
C SER A 18 0.45 25.68 20.59
N TYR A 19 1.14 26.34 21.54
CA TYR A 19 1.71 25.66 22.67
C TYR A 19 1.96 26.72 23.73
N ASN A 20 2.23 26.23 24.93
CA ASN A 20 2.47 27.06 26.06
C ASN A 20 3.71 26.42 26.73
N LYS A 21 4.68 27.27 27.07
CA LYS A 21 5.98 26.89 27.67
C LYS A 21 5.89 26.40 29.14
N GLU A 22 4.73 26.53 29.78
CA GLU A 22 4.56 25.97 31.11
C GLU A 22 3.58 24.83 31.11
N THR A 23 2.92 24.56 29.98
CA THR A 23 1.92 23.49 29.98
C THR A 23 2.11 22.40 28.94
N ALA A 24 1.52 22.60 27.79
CA ALA A 24 1.34 21.53 26.81
C ALA A 24 0.99 22.10 25.40
N ILE A 25 0.63 21.22 24.47
CA ILE A 25 0.34 21.59 23.09
C ILE A 25 -1.12 21.96 23.17
N GLY A 26 -1.55 22.95 22.40
CA GLY A 26 -2.96 23.40 22.48
C GLY A 26 -3.66 23.25 21.12
N ASP A 27 -3.65 24.27 20.28
CA ASP A 27 -4.35 24.13 18.99
C ASP A 27 -3.59 23.28 18.03
N PHE A 28 -4.31 22.60 17.11
CA PHE A 28 -3.55 21.87 16.07
C PHE A 28 -4.31 21.86 14.75
N GLN A 29 -3.63 22.13 13.62
CA GLN A 29 -4.30 22.24 12.34
C GLN A 29 -3.28 21.89 11.29
N VAL A 30 -3.72 21.21 10.24
CA VAL A 30 -2.81 20.81 9.16
C VAL A 30 -3.31 21.24 7.77
N VAL A 31 -2.41 21.75 6.96
CA VAL A 31 -2.69 21.96 5.54
C VAL A 31 -2.01 20.78 4.85
N TYR A 32 -2.85 19.85 4.38
CA TYR A 32 -2.35 18.69 3.71
C TYR A 32 -2.15 19.02 2.27
N ASP A 33 -1.54 18.08 1.59
CA ASP A 33 -1.65 18.11 0.15
C ASP A 33 -2.68 17.08 -0.25
N LEU A 34 -3.49 17.37 -1.25
CA LEU A 34 -4.36 16.34 -1.81
C LEU A 34 -4.21 16.34 -3.31
N ASN A 35 -3.49 15.37 -3.87
CA ASN A 35 -3.37 15.28 -5.35
C ASN A 35 -2.92 16.61 -5.91
N GLY A 36 -2.05 17.32 -5.20
CA GLY A 36 -1.51 18.57 -5.72
C GLY A 36 -2.18 19.84 -5.27
N SER A 37 -3.32 19.79 -4.58
CA SER A 37 -3.91 21.04 -4.06
C SER A 37 -3.80 21.01 -2.57
N PRO A 38 -3.64 22.17 -1.94
CA PRO A 38 -3.56 22.32 -0.50
C PRO A 38 -4.92 22.00 0.05
N TYR A 39 -4.99 21.27 1.15
CA TYR A 39 -6.28 20.87 1.62
C TYR A 39 -6.25 21.41 3.01
N VAL A 40 -7.11 22.37 3.29
CA VAL A 40 -7.00 23.07 4.56
C VAL A 40 -7.77 22.32 5.61
N GLY A 41 -7.05 21.55 6.43
CA GLY A 41 -7.70 20.85 7.53
C GLY A 41 -8.40 21.80 8.48
N GLN A 42 -9.43 21.32 9.18
CA GLN A 42 -10.10 22.12 10.23
C GLN A 42 -9.11 22.53 11.31
N ASN A 43 -9.21 23.78 11.79
CA ASN A 43 -8.40 24.16 12.95
C ASN A 43 -8.93 23.43 14.24
N HIS A 44 -8.18 22.50 14.82
CA HIS A 44 -8.61 21.86 16.08
C HIS A 44 -8.17 22.66 17.25
N LYS A 45 -9.16 23.26 17.93
CA LYS A 45 -8.89 24.29 18.94
C LYS A 45 -8.92 23.79 20.36
N SER A 46 -7.92 24.18 21.15
CA SER A 46 -8.05 24.05 22.60
C SER A 46 -9.32 24.74 23.13
N PHE A 47 -9.91 24.23 24.23
CA PHE A 47 -10.98 24.92 24.94
C PHE A 47 -10.47 26.20 25.66
N ILE A 48 -9.16 26.47 25.69
CA ILE A 48 -8.65 27.66 26.41
C ILE A 48 -7.80 28.49 25.51
N THR A 49 -7.46 29.67 25.99
CA THR A 49 -6.65 30.60 25.22
C THR A 49 -5.31 30.75 25.91
N GLY A 50 -4.48 31.67 25.40
CA GLY A 50 -3.18 31.94 26.02
C GLY A 50 -1.98 31.21 25.41
N PHE A 51 -2.17 30.55 24.27
CA PHE A 51 -1.08 29.80 23.66
C PHE A 51 -0.30 30.65 22.65
N THR A 52 0.91 30.21 22.36
CA THR A 52 1.78 30.74 21.31
C THR A 52 1.64 29.97 19.98
N PRO A 53 1.16 30.66 18.89
CA PRO A 53 0.99 29.98 17.59
C PRO A 53 2.35 29.78 16.87
N VAL A 54 2.48 28.70 16.13
CA VAL A 54 3.64 28.56 15.26
C VAL A 54 3.19 28.01 13.95
N LYS A 55 3.80 28.51 12.89
CA LYS A 55 3.54 28.03 11.54
C LYS A 55 4.76 27.25 11.03
N ILE A 56 4.53 25.99 10.66
CA ILE A 56 5.60 25.19 10.10
C ILE A 56 5.26 24.97 8.64
N SER A 57 5.84 25.81 7.79
CA SER A 57 5.54 25.75 6.38
C SER A 57 6.59 24.95 5.71
N LEU A 58 6.23 23.81 5.12
CA LEU A 58 7.22 22.92 4.56
C LEU A 58 7.42 23.24 3.11
N ASP A 59 8.60 22.92 2.58
CA ASP A 59 8.87 23.14 1.17
C ASP A 59 8.43 21.90 0.41
N PHE A 60 7.11 21.69 0.38
CA PHE A 60 6.51 20.49 -0.25
C PHE A 60 6.60 20.63 -1.75
N PRO A 61 6.92 19.53 -2.47
CA PRO A 61 7.12 18.12 -2.05
C PRO A 61 8.53 17.66 -1.60
N SER A 62 9.58 18.47 -1.76
CA SER A 62 10.94 17.97 -1.57
C SER A 62 11.31 17.84 -0.10
N GLU A 63 10.58 18.60 0.72
CA GLU A 63 10.71 18.55 2.16
C GLU A 63 9.50 17.81 2.79
N TYR A 64 9.79 16.91 3.73
CA TYR A 64 8.81 16.08 4.42
C TYR A 64 9.33 15.60 5.81
N ILE A 65 8.39 15.46 6.75
CA ILE A 65 8.62 14.91 8.05
C ILE A 65 9.29 13.51 8.03
N MET A 66 10.40 13.40 8.76
CA MET A 66 11.14 12.15 8.92
C MET A 66 10.98 11.55 10.33
N GLU A 67 10.64 12.40 11.31
CA GLU A 67 10.41 11.95 12.68
C GLU A 67 9.46 12.92 13.41
N VAL A 68 8.50 12.37 14.13
CA VAL A 68 7.68 13.21 15.01
C VAL A 68 8.03 12.71 16.39
N SER A 69 8.45 13.61 17.28
CA SER A 69 8.72 13.18 18.67
C SER A 69 8.15 14.16 19.67
N GLY A 70 8.20 13.80 20.95
CA GLY A 70 7.60 14.60 21.96
C GLY A 70 7.62 14.01 23.33
N TYR A 71 6.77 14.53 24.19
CA TYR A 71 6.67 14.07 25.55
C TYR A 71 5.24 14.05 25.85
N THR A 72 4.83 13.06 26.65
CA THR A 72 3.53 13.04 27.22
C THR A 72 3.66 13.06 28.74
N GLY A 73 2.64 13.63 29.40
CA GLY A 73 2.68 13.80 30.83
C GLY A 73 1.51 14.60 31.46
N ASN A 74 1.57 14.72 32.78
CA ASN A 74 0.48 15.28 33.54
C ASN A 74 0.39 16.79 33.39
N VAL A 75 -0.80 17.29 33.10
CA VAL A 75 -1.04 18.72 33.24
C VAL A 75 -2.41 18.83 33.86
N SER A 76 -2.51 19.47 35.04
CA SER A 76 -3.78 19.56 35.78
C SER A 76 -4.40 18.18 36.02
N GLY A 77 -3.56 17.15 36.08
CA GLY A 77 -3.94 15.77 36.32
C GLY A 77 -4.43 15.05 35.10
N TYR A 78 -4.32 15.65 33.94
CA TYR A 78 -4.63 14.90 32.70
C TYR A 78 -3.31 14.49 32.06
N VAL A 79 -3.24 13.28 31.53
CA VAL A 79 -2.16 12.97 30.64
C VAL A 79 -2.39 13.67 29.32
N VAL A 80 -1.40 14.45 28.85
CA VAL A 80 -1.56 15.16 27.58
C VAL A 80 -0.25 15.11 26.79
N VAL A 81 -0.24 15.63 25.57
CA VAL A 81 0.95 15.72 24.72
C VAL A 81 1.57 17.08 25.10
N ARG A 82 2.66 17.05 25.90
CA ARG A 82 3.15 18.26 26.56
C ARG A 82 4.08 18.97 25.62
N SER A 83 4.61 18.25 24.63
CA SER A 83 5.47 18.85 23.57
C SER A 83 5.57 18.00 22.27
N LEU A 84 5.97 18.65 21.16
CA LEU A 84 6.13 17.97 19.88
C LEU A 84 7.31 18.52 19.16
N THR A 85 7.97 17.68 18.35
CA THR A 85 9.13 18.16 17.54
C THR A 85 8.96 17.48 16.23
N PHE A 86 9.14 18.23 15.16
CA PHE A 86 8.95 17.69 13.86
C PHE A 86 10.28 17.78 13.17
N LYS A 87 10.81 16.68 12.69
CA LYS A 87 12.10 16.76 12.04
C LYS A 87 11.91 16.38 10.60
N THR A 88 12.42 17.19 9.66
CA THR A 88 12.24 16.79 8.26
C THR A 88 13.63 16.48 7.71
N ASN A 89 13.67 16.09 6.43
CA ASN A 89 14.92 15.94 5.70
C ASN A 89 15.71 17.22 5.54
N LYS A 90 15.13 18.34 5.98
CA LYS A 90 15.79 19.59 5.79
C LYS A 90 16.01 20.31 7.09
N LYS A 91 15.18 20.06 8.12
CA LYS A 91 15.49 20.63 9.42
C LYS A 91 14.58 20.20 10.50
N THR A 92 14.76 20.79 11.66
CA THR A 92 14.02 20.42 12.85
C THR A 92 13.15 21.57 13.30
N TYR A 93 11.86 21.30 13.53
CA TYR A 93 10.96 22.32 14.05
C TYR A 93 10.56 21.92 15.46
N GLY A 94 10.94 22.76 16.43
CA GLY A 94 10.63 22.46 17.82
C GLY A 94 11.88 22.13 18.66
N PRO A 95 11.71 21.72 19.91
CA PRO A 95 10.46 21.32 20.57
C PRO A 95 9.45 22.45 20.83
N TYR A 96 8.19 22.17 20.64
CA TYR A 96 7.25 23.15 21.07
C TYR A 96 6.57 22.59 22.30
N GLY A 97 6.49 23.40 23.33
CA GLY A 97 5.71 23.02 24.49
C GLY A 97 6.64 22.80 25.65
N VAL A 98 6.48 21.71 26.37
CA VAL A 98 7.30 21.47 27.56
C VAL A 98 7.90 20.07 27.44
N THR A 99 9.25 19.96 27.41
CA THR A 99 9.91 18.69 27.22
C THR A 99 10.05 17.90 28.56
N SER A 100 8.92 17.43 29.13
CA SER A 100 8.87 16.76 30.44
C SER A 100 7.85 15.63 30.42
N GLY A 101 8.18 14.54 31.11
CA GLY A 101 7.32 13.36 31.23
C GLY A 101 7.97 12.17 30.50
N THR A 102 7.15 11.38 29.81
CA THR A 102 7.63 10.18 29.11
C THR A 102 7.91 10.57 27.67
N PRO A 103 9.15 10.39 27.14
CA PRO A 103 9.31 10.66 25.72
C PRO A 103 8.61 9.60 24.80
N PHE A 104 8.30 9.98 23.56
CA PHE A 104 7.82 9.03 22.55
C PHE A 104 8.43 9.56 21.26
N ASN A 105 8.45 8.73 20.23
CA ASN A 105 9.03 9.08 18.99
C ASN A 105 8.60 8.10 17.89
N LEU A 106 8.29 8.66 16.73
CA LEU A 106 8.09 7.86 15.51
C LEU A 106 9.05 8.39 14.46
N PRO A 107 10.24 7.77 14.30
CA PRO A 107 11.11 7.95 13.14
C PRO A 107 10.61 7.11 11.96
N ILE A 108 10.76 7.60 10.74
CA ILE A 108 10.32 6.85 9.56
C ILE A 108 11.52 6.60 8.67
N GLU A 109 11.72 5.38 8.24
CA GLU A 109 12.83 5.12 7.33
C GLU A 109 12.30 5.18 5.91
N ASN A 110 11.04 4.75 5.79
CA ASN A 110 10.33 4.70 4.49
C ASN A 110 8.87 5.00 4.65
N GLY A 111 8.37 5.98 3.84
CA GLY A 111 6.95 6.34 3.85
C GLY A 111 6.73 7.74 4.37
N LEU A 112 5.46 8.11 4.49
CA LEU A 112 5.05 9.49 4.80
C LEU A 112 3.89 9.49 5.76
N ILE A 113 3.83 10.53 6.61
CA ILE A 113 2.65 10.86 7.42
C ILE A 113 1.67 11.56 6.48
N VAL A 114 0.47 11.02 6.37
CA VAL A 114 -0.48 11.54 5.41
C VAL A 114 -1.76 12.00 6.12
N GLY A 115 -1.79 11.92 7.47
CA GLY A 115 -3.02 12.33 8.22
C GLY A 115 -2.75 12.38 9.70
N PHE A 116 -3.50 13.21 10.43
CA PHE A 116 -3.52 13.11 11.87
C PHE A 116 -4.94 12.89 12.38
N LYS A 117 -5.06 12.28 13.54
CA LYS A 117 -6.30 12.29 14.28
C LYS A 117 -5.84 12.41 15.73
N GLY A 118 -6.80 12.72 16.57
CA GLY A 118 -6.58 12.61 18.01
C GLY A 118 -7.67 13.29 18.79
N SER A 119 -7.31 14.06 19.82
CA SER A 119 -8.28 14.61 20.74
C SER A 119 -7.75 15.85 21.50
N ILE A 120 -8.47 16.99 21.45
CA ILE A 120 -8.02 18.24 22.14
C ILE A 120 -9.08 18.73 23.14
N GLY A 121 -8.69 18.87 24.42
CA GLY A 121 -9.50 19.58 25.41
C GLY A 121 -8.89 20.91 25.77
N TYR A 122 -8.38 21.04 26.99
CA TYR A 122 -7.56 22.23 27.28
C TYR A 122 -6.26 22.10 26.50
N TRP A 123 -5.80 20.85 26.40
CA TRP A 123 -4.59 20.52 25.64
C TRP A 123 -4.86 19.35 24.72
N LEU A 124 -3.93 19.10 23.77
CA LEU A 124 -3.89 17.91 22.93
C LEU A 124 -3.81 16.74 23.89
N ASP A 125 -4.85 15.92 23.88
CA ASP A 125 -4.92 14.75 24.79
C ASP A 125 -4.09 13.58 24.24
N TYR A 126 -4.34 13.23 22.99
CA TYR A 126 -3.55 12.18 22.28
C TYR A 126 -3.66 12.41 20.82
N PHE A 127 -2.76 11.81 20.02
CA PHE A 127 -2.92 11.81 18.61
C PHE A 127 -2.39 10.54 17.96
N SER A 128 -2.89 10.26 16.76
CA SER A 128 -2.35 9.21 15.90
C SER A 128 -2.01 9.80 14.58
N MET A 129 -1.16 9.09 13.79
CA MET A 129 -0.77 9.52 12.46
C MET A 129 -1.10 8.37 11.39
N TYR A 130 -1.59 8.75 10.23
CA TYR A 130 -1.85 7.86 9.14
C TYR A 130 -0.55 7.87 8.36
N LEU A 131 -0.09 6.68 7.93
CA LEU A 131 1.14 6.54 7.16
C LEU A 131 0.86 5.96 5.83
N SER A 132 1.57 6.45 4.80
CA SER A 132 1.42 5.81 3.52
C SER A 132 2.77 5.86 2.76
N LEU A 133 2.92 5.00 1.76
CA LEU A 133 3.98 5.17 0.76
C LEU A 133 3.47 6.19 -0.25
N GLN B 2 -14.05 -7.18 1.34
CA GLN B 2 -13.89 -5.67 1.49
C GLN B 2 -15.21 -4.81 1.45
N SER B 3 -15.13 -3.60 2.02
CA SER B 3 -16.03 -2.52 1.65
C SER B 3 -15.41 -1.70 0.49
N GLY B 4 -16.13 -0.69 -0.02
CA GLY B 4 -15.53 0.24 -0.98
C GLY B 4 -14.69 1.37 -0.31
N ILE B 5 -14.43 1.28 0.99
CA ILE B 5 -13.58 2.32 1.68
C ILE B 5 -12.09 1.93 1.74
N SER B 6 -11.25 2.82 1.21
CA SER B 6 -9.81 2.58 1.12
C SER B 6 -9.27 2.58 2.56
N GLN B 7 -8.12 1.91 2.79
CA GLN B 7 -7.56 1.68 4.11
C GLN B 7 -6.17 2.21 4.13
N THR B 8 -5.75 2.64 5.34
CA THR B 8 -4.41 3.22 5.55
C THR B 8 -3.86 2.69 6.86
N VAL B 9 -2.56 2.40 6.85
CA VAL B 9 -1.79 2.17 8.09
C VAL B 9 -1.95 3.38 9.03
N ILE B 10 -2.26 3.08 10.30
CA ILE B 10 -2.29 4.11 11.30
C ILE B 10 -1.46 3.64 12.52
N VAL B 11 -0.57 4.52 12.98
CA VAL B 11 0.24 4.33 14.17
C VAL B 11 -0.15 5.32 15.24
N GLY B 12 -0.13 4.88 16.50
CA GLY B 12 -0.54 5.67 17.62
C GLY B 12 -1.60 4.92 18.43
N PRO B 13 -2.26 5.58 19.39
CA PRO B 13 -2.11 7.00 19.75
C PRO B 13 -1.07 7.15 20.80
N TRP B 14 -0.55 8.36 20.89
CA TRP B 14 0.33 8.76 22.00
C TRP B 14 -0.43 9.82 22.79
N GLY B 15 -0.31 9.74 24.12
CA GLY B 15 -1.05 10.65 25.02
C GLY B 15 -1.91 9.90 25.97
N ALA B 16 -3.02 10.49 26.35
CA ALA B 16 -3.90 9.84 27.25
C ALA B 16 -4.45 8.52 26.71
N LYS B 17 -4.49 7.53 27.59
CA LYS B 17 -5.03 6.23 27.22
C LYS B 17 -6.49 6.09 27.58
N GLY C 1 27.74 -3.19 16.06
CA GLY C 1 27.09 -4.55 15.91
C GLY C 1 26.96 -4.98 14.47
N LYS C 2 26.38 -6.15 14.24
CA LYS C 2 26.06 -6.61 12.91
C LYS C 2 24.62 -6.17 12.56
N ALA C 3 24.51 -5.40 11.48
CA ALA C 3 23.26 -5.01 10.94
C ALA C 3 22.55 -6.25 10.35
N PHE C 4 21.21 -6.34 10.53
CA PHE C 4 20.38 -7.36 9.87
C PHE C 4 19.15 -6.70 9.27
N ASP C 5 18.51 -7.36 8.32
CA ASP C 5 17.25 -6.80 7.78
C ASP C 5 16.53 -8.00 7.14
N ASP C 6 15.40 -8.42 7.72
CA ASP C 6 14.76 -9.62 7.17
C ASP C 6 13.97 -9.26 5.89
N GLY C 7 13.65 -7.97 5.68
CA GLY C 7 12.70 -7.55 4.68
C GLY C 7 11.28 -7.82 5.15
N ALA C 8 10.35 -7.87 4.22
CA ALA C 8 8.92 -7.78 4.47
C ALA C 8 8.28 -9.14 4.08
N PHE C 9 7.36 -9.62 4.93
CA PHE C 9 6.65 -10.83 4.69
C PHE C 9 5.14 -10.59 4.80
N THR C 10 4.35 -11.67 5.01
CA THR C 10 2.88 -11.64 5.01
C THR C 10 2.36 -11.43 6.42
N GLY C 11 3.17 -11.77 7.43
CA GLY C 11 2.72 -11.71 8.82
C GLY C 11 3.69 -12.35 9.77
N ILE C 12 3.34 -12.46 11.04
CA ILE C 12 4.31 -13.02 11.97
C ILE C 12 3.74 -14.18 12.73
N ARG C 13 4.44 -15.31 12.64
CA ARG C 13 3.99 -16.52 13.38
C ARG C 13 4.61 -16.67 14.74
N GLU C 14 5.91 -16.43 14.85
CA GLU C 14 6.58 -16.69 16.11
C GLU C 14 7.73 -15.73 16.30
N ILE C 15 8.01 -15.38 17.54
CA ILE C 15 9.20 -14.54 17.81
C ILE C 15 10.12 -15.32 18.76
N ASN C 16 11.35 -15.60 18.31
CA ASN C 16 12.34 -16.15 19.22
C ASN C 16 13.34 -15.04 19.61
N LEU C 17 13.46 -14.79 20.91
CA LEU C 17 14.48 -13.88 21.35
C LEU C 17 15.13 -14.40 22.61
N SER C 18 16.08 -13.65 23.12
CA SER C 18 16.78 -14.04 24.35
C SER C 18 17.13 -12.77 25.12
N TYR C 19 17.28 -12.86 26.43
CA TYR C 19 17.60 -11.72 27.29
C TYR C 19 18.38 -12.22 28.53
N ASN C 20 18.83 -11.26 29.33
CA ASN C 20 19.61 -11.49 30.54
C ASN C 20 19.15 -10.34 31.45
N LYS C 21 18.68 -10.66 32.65
CA LYS C 21 18.32 -9.65 33.63
C LYS C 21 19.55 -8.88 34.17
N GLU C 22 20.74 -9.44 34.04
CA GLU C 22 21.98 -8.67 34.34
C GLU C 22 22.15 -7.54 33.25
N THR C 23 21.67 -7.75 32.02
CA THR C 23 22.07 -6.86 30.90
C THR C 23 20.90 -6.42 29.93
N ALA C 24 20.63 -7.15 28.85
CA ALA C 24 19.74 -6.61 27.81
C ALA C 24 19.27 -7.71 26.88
N ILE C 25 18.61 -7.32 25.80
CA ILE C 25 18.15 -8.26 24.79
C ILE C 25 19.36 -8.67 23.98
N GLY C 26 19.47 -9.95 23.72
CA GLY C 26 20.64 -10.49 23.08
C GLY C 26 20.43 -10.96 21.68
N ASP C 27 19.54 -11.92 21.46
CA ASP C 27 19.36 -12.53 20.11
C ASP C 27 17.93 -12.32 19.64
N PHE C 28 17.68 -12.56 18.36
CA PHE C 28 16.37 -12.24 17.78
C PHE C 28 16.18 -13.02 16.50
N GLN C 29 15.12 -13.81 16.42
CA GLN C 29 14.78 -14.55 15.22
C GLN C 29 13.27 -14.59 15.11
N VAL C 30 12.76 -14.37 13.90
CA VAL C 30 11.34 -14.29 13.74
C VAL C 30 10.89 -15.42 12.80
N VAL C 31 9.84 -16.15 13.16
CA VAL C 31 9.24 -17.02 12.15
C VAL C 31 8.09 -16.24 11.47
N TYR C 32 8.27 -15.87 10.20
CA TYR C 32 7.24 -15.10 9.55
C TYR C 32 6.22 -16.03 8.93
N ASP C 33 5.08 -15.44 8.58
CA ASP C 33 4.21 -16.00 7.54
C ASP C 33 4.64 -15.48 6.16
N LEU C 34 4.63 -16.35 5.16
CA LEU C 34 4.85 -15.99 3.74
C LEU C 34 3.73 -16.69 3.01
N ASN C 35 2.67 -15.92 2.66
CA ASN C 35 1.49 -16.40 1.97
C ASN C 35 0.83 -17.70 2.57
N GLY C 36 0.69 -17.74 3.90
CA GLY C 36 -0.03 -18.82 4.59
C GLY C 36 0.84 -20.04 4.92
N SER C 37 2.14 -19.94 4.63
CA SER C 37 3.20 -20.87 5.07
C SER C 37 4.31 -20.20 5.89
N PRO C 38 4.94 -20.97 6.81
CA PRO C 38 5.95 -20.48 7.74
C PRO C 38 7.22 -20.23 6.95
N TYR C 39 7.85 -19.09 7.21
CA TYR C 39 9.14 -18.84 6.65
C TYR C 39 10.11 -18.55 7.82
N VAL C 40 11.14 -19.38 7.97
CA VAL C 40 11.99 -19.26 9.16
C VAL C 40 13.04 -18.19 8.95
N GLY C 41 12.96 -17.12 9.72
CA GLY C 41 13.83 -15.99 9.46
C GLY C 41 15.22 -16.37 9.87
N GLN C 42 16.18 -15.64 9.35
CA GLN C 42 17.55 -15.66 9.83
C GLN C 42 17.63 -15.46 11.37
N ASN C 43 18.60 -16.11 12.02
CA ASN C 43 18.70 -15.99 13.49
C ASN C 43 19.78 -14.97 13.74
N HIS C 44 19.42 -13.83 14.35
CA HIS C 44 20.40 -12.76 14.53
C HIS C 44 21.00 -12.89 15.89
N LYS C 45 22.29 -13.30 15.96
CA LYS C 45 22.88 -13.69 17.27
C LYS C 45 23.84 -12.64 17.81
N SER C 46 23.75 -12.40 19.11
CA SER C 46 24.77 -11.61 19.85
C SER C 46 26.16 -12.19 19.60
N PHE C 47 27.19 -11.34 19.76
CA PHE C 47 28.56 -11.76 19.65
C PHE C 47 28.92 -12.60 20.88
N ILE C 48 28.09 -12.56 21.89
CA ILE C 48 28.36 -13.31 23.14
C ILE C 48 27.15 -14.22 23.43
N THR C 49 27.30 -15.13 24.40
CA THR C 49 26.27 -16.10 24.74
C THR C 49 26.04 -16.05 26.27
N GLY C 50 25.11 -16.80 26.80
CA GLY C 50 24.71 -16.58 28.19
C GLY C 50 23.22 -16.22 28.39
N PHE C 51 22.50 -15.89 27.31
CA PHE C 51 21.07 -15.41 27.47
C PHE C 51 20.01 -16.50 27.69
N THR C 52 18.85 -16.12 28.20
CA THR C 52 17.80 -17.09 28.39
C THR C 52 16.91 -16.92 27.18
N PRO C 53 16.65 -18.02 26.42
CA PRO C 53 15.84 -17.91 25.21
C PRO C 53 14.36 -17.88 25.56
N VAL C 54 13.52 -17.26 24.72
CA VAL C 54 12.05 -17.22 24.97
C VAL C 54 11.44 -17.49 23.60
N LYS C 55 10.40 -18.32 23.55
CA LYS C 55 9.68 -18.46 22.28
C LYS C 55 8.28 -17.86 22.46
N ILE C 56 7.96 -16.83 21.66
CA ILE C 56 6.55 -16.30 21.64
C ILE C 56 5.87 -16.90 20.42
N SER C 57 4.96 -17.84 20.65
CA SER C 57 4.29 -18.49 19.55
C SER C 57 2.89 -17.95 19.44
N LEU C 58 2.63 -17.22 18.37
CA LEU C 58 1.34 -16.57 18.21
C LEU C 58 0.29 -17.47 17.49
N ASP C 59 -0.97 -17.31 17.85
CA ASP C 59 -2.03 -18.12 17.22
C ASP C 59 -2.45 -17.44 15.88
N PHE C 60 -1.52 -17.54 14.93
CA PHE C 60 -1.63 -16.97 13.59
C PHE C 60 -2.64 -17.77 12.76
N PRO C 61 -3.47 -17.09 11.99
CA PRO C 61 -3.58 -15.67 11.70
C PRO C 61 -4.45 -14.82 12.65
N SER C 62 -5.16 -15.44 13.61
CA SER C 62 -6.13 -14.68 14.33
C SER C 62 -5.46 -13.72 15.36
N GLU C 63 -4.27 -14.10 15.83
CA GLU C 63 -3.50 -13.25 16.78
C GLU C 63 -2.40 -12.48 16.12
N TYR C 64 -2.28 -11.19 16.46
CA TYR C 64 -1.29 -10.36 15.81
C TYR C 64 -0.81 -9.29 16.76
N ILE C 65 0.41 -8.79 16.55
CA ILE C 65 0.96 -7.69 17.42
C ILE C 65 0.29 -6.31 17.25
N MET C 66 -0.19 -5.71 18.35
CA MET C 66 -0.77 -4.35 18.35
C MET C 66 0.15 -3.27 18.90
N GLU C 67 1.09 -3.70 19.71
CA GLU C 67 2.07 -2.73 20.17
C GLU C 67 3.40 -3.37 20.57
N VAL C 68 4.49 -2.69 20.28
CA VAL C 68 5.76 -3.19 20.68
C VAL C 68 6.28 -2.05 21.56
N SER C 69 6.88 -2.38 22.70
CA SER C 69 7.49 -1.35 23.52
C SER C 69 8.75 -1.93 24.20
N GLY C 70 9.45 -1.08 24.92
CA GLY C 70 10.73 -1.48 25.37
C GLY C 70 11.36 -0.37 26.16
N TYR C 71 12.61 -0.60 26.54
CA TYR C 71 13.40 0.38 27.25
C TYR C 71 14.80 0.30 26.67
N THR C 72 15.43 1.45 26.52
CA THR C 72 16.80 1.48 26.13
C THR C 72 17.63 2.13 27.22
N GLY C 73 18.82 1.57 27.47
CA GLY C 73 19.66 1.97 28.59
C GLY C 73 21.11 1.60 28.33
N ASN C 74 22.02 2.06 29.21
CA ASN C 74 23.44 1.89 28.95
C ASN C 74 23.80 0.60 29.64
N VAL C 75 24.38 -0.36 28.92
CA VAL C 75 24.90 -1.58 29.51
C VAL C 75 26.39 -1.72 29.22
N SER C 76 27.21 -1.62 30.27
CA SER C 76 28.67 -1.66 30.17
C SER C 76 29.20 -0.79 29.03
N GLY C 77 28.57 0.37 28.85
CA GLY C 77 29.07 1.34 27.89
C GLY C 77 28.35 1.29 26.55
N TYR C 78 27.51 0.27 26.35
CA TYR C 78 26.76 0.15 25.09
C TYR C 78 25.31 0.68 25.33
N VAL C 79 24.80 1.56 24.47
CA VAL C 79 23.38 1.95 24.59
C VAL C 79 22.55 0.96 23.72
N VAL C 80 21.65 0.22 24.40
CA VAL C 80 21.04 -0.97 23.82
C VAL C 80 19.58 -1.02 24.30
N VAL C 81 18.78 -1.86 23.62
CA VAL C 81 17.42 -2.22 24.06
C VAL C 81 17.52 -3.25 25.17
N ARG C 82 17.12 -2.82 26.37
CA ARG C 82 17.29 -3.64 27.54
C ARG C 82 16.08 -4.48 27.83
N SER C 83 14.96 -4.16 27.19
CA SER C 83 13.67 -4.74 27.53
C SER C 83 12.81 -4.70 26.29
N LEU C 84 12.02 -5.72 26.06
CA LEU C 84 10.91 -5.69 25.01
C LEU C 84 9.60 -6.29 25.57
N THR C 85 8.49 -5.79 25.06
CA THR C 85 7.18 -6.30 25.41
C THR C 85 6.49 -6.27 24.10
N PHE C 86 5.81 -7.39 23.82
CA PHE C 86 4.92 -7.52 22.68
C PHE C 86 3.49 -7.68 23.15
N LYS C 87 2.65 -6.73 22.76
CA LYS C 87 1.22 -6.75 23.14
C LYS C 87 0.43 -7.20 21.92
N THR C 88 -0.32 -8.29 22.02
CA THR C 88 -1.14 -8.68 20.87
C THR C 88 -2.59 -8.33 21.15
N ASN C 89 -3.47 -8.71 20.23
CA ASN C 89 -4.90 -8.53 20.48
C ASN C 89 -5.41 -9.55 21.51
N LYS C 90 -4.61 -10.58 21.73
CA LYS C 90 -4.94 -11.70 22.61
C LYS C 90 -4.29 -11.52 23.97
N LYS C 91 -3.04 -11.11 24.00
CA LYS C 91 -2.36 -11.01 25.29
C LYS C 91 -1.05 -10.24 25.27
N THR C 92 -0.45 -10.04 26.45
CA THR C 92 0.86 -9.42 26.56
C THR C 92 2.03 -10.38 26.80
N TYR C 93 3.11 -10.20 26.03
CA TYR C 93 4.29 -11.05 26.14
C TYR C 93 5.39 -10.18 26.61
N GLY C 94 5.90 -10.51 27.78
CA GLY C 94 6.96 -9.68 28.42
C GLY C 94 6.41 -8.89 29.60
N PRO C 95 7.19 -7.99 30.15
CA PRO C 95 8.50 -7.57 29.66
C PRO C 95 9.57 -8.67 29.75
N TYR C 96 10.41 -8.76 28.73
CA TYR C 96 11.64 -9.51 28.77
C TYR C 96 12.83 -8.55 28.86
N GLY C 97 13.70 -8.71 29.86
CA GLY C 97 14.89 -7.87 29.95
C GLY C 97 14.84 -7.08 31.22
N VAL C 98 15.53 -5.95 31.26
CA VAL C 98 15.45 -5.07 32.43
C VAL C 98 14.59 -3.84 32.11
N THR C 99 13.53 -3.62 32.90
CA THR C 99 12.67 -2.47 32.65
C THR C 99 13.19 -1.15 33.25
N SER C 100 14.38 -0.76 32.82
CA SER C 100 14.98 0.47 33.27
C SER C 100 15.60 1.23 32.09
N GLY C 101 15.35 2.55 32.02
CA GLY C 101 15.98 3.45 31.06
C GLY C 101 14.99 4.39 30.39
N THR C 102 15.22 4.72 29.14
CA THR C 102 14.26 5.53 28.39
C THR C 102 13.28 4.64 27.68
N PRO C 103 11.98 4.91 27.87
CA PRO C 103 11.01 4.01 27.26
C PRO C 103 10.83 4.29 25.80
N PHE C 104 10.41 3.27 25.07
CA PHE C 104 9.88 3.52 23.73
C PHE C 104 8.67 2.62 23.50
N ASN C 105 7.80 3.04 22.58
CA ASN C 105 6.75 2.16 22.11
C ASN C 105 6.26 2.53 20.69
N LEU C 106 5.74 1.52 19.96
CA LEU C 106 5.02 1.70 18.71
C LEU C 106 3.66 1.07 18.84
N PRO C 107 2.63 1.87 19.02
CA PRO C 107 1.34 1.26 19.08
C PRO C 107 0.73 1.35 17.65
N ILE C 108 -0.15 0.41 17.26
CA ILE C 108 -0.64 0.37 15.88
C ILE C 108 -2.14 0.31 15.96
N GLU C 109 -2.80 1.28 15.30
CA GLU C 109 -4.22 1.30 15.21
C GLU C 109 -4.70 0.46 14.03
N ASN C 110 -3.99 0.52 12.91
CA ASN C 110 -4.39 -0.19 11.72
C ASN C 110 -3.11 -0.54 10.95
N GLY C 111 -3.02 -1.80 10.53
CA GLY C 111 -1.79 -2.32 9.94
C GLY C 111 -1.10 -3.43 10.74
N LEU C 112 -0.15 -4.09 10.08
CA LEU C 112 0.56 -5.26 10.59
C LEU C 112 2.06 -5.02 10.52
N ILE C 113 2.79 -5.42 11.58
CA ILE C 113 4.27 -5.62 11.48
C ILE C 113 4.51 -6.80 10.59
N VAL C 114 5.29 -6.59 9.56
CA VAL C 114 5.52 -7.65 8.61
C VAL C 114 7.01 -7.94 8.41
N GLY C 115 7.86 -7.26 9.19
CA GLY C 115 9.25 -7.53 9.24
C GLY C 115 10.00 -6.65 10.23
N PHE C 116 11.28 -7.03 10.48
CA PHE C 116 12.21 -6.35 11.38
C PHE C 116 13.59 -6.19 10.72
N LYS C 117 14.26 -5.09 11.12
CA LYS C 117 15.61 -4.90 10.74
C LYS C 117 16.26 -4.23 11.96
N GLY C 118 17.57 -4.19 12.00
CA GLY C 118 18.20 -3.65 13.22
C GLY C 118 19.67 -3.97 13.20
N SER C 119 20.31 -3.83 14.35
CA SER C 119 21.68 -4.22 14.52
C SER C 119 21.83 -4.91 15.90
N ILE C 120 22.61 -6.01 15.96
CA ILE C 120 22.93 -6.74 17.21
C ILE C 120 24.46 -6.93 17.32
N GLY C 121 25.04 -6.41 18.44
CA GLY C 121 26.46 -6.54 18.76
C GLY C 121 26.50 -7.47 19.95
N TYR C 122 27.00 -7.03 21.09
CA TYR C 122 26.77 -7.78 22.33
C TYR C 122 25.27 -7.88 22.66
N TRP C 123 24.54 -6.82 22.32
CA TRP C 123 23.12 -6.78 22.59
C TRP C 123 22.40 -6.13 21.45
N LEU C 124 21.08 -6.13 21.52
CA LEU C 124 20.26 -5.51 20.45
C LEU C 124 20.43 -3.98 20.48
N ASP C 125 21.14 -3.46 19.47
CA ASP C 125 21.47 -2.06 19.44
C ASP C 125 20.26 -1.22 19.12
N TYR C 126 19.47 -1.68 18.16
CA TYR C 126 18.27 -0.95 17.79
C TYR C 126 17.55 -1.79 16.74
N PHE C 127 16.29 -1.48 16.48
CA PHE C 127 15.52 -2.22 15.49
C PHE C 127 14.42 -1.32 14.90
N SER C 128 13.95 -1.71 13.69
CA SER C 128 12.91 -1.03 12.93
C SER C 128 11.98 -2.09 12.45
N MET C 129 10.78 -1.66 12.03
CA MET C 129 9.69 -2.55 11.73
C MET C 129 9.06 -2.14 10.40
N TYR C 130 9.00 -3.09 9.47
CA TYR C 130 8.18 -2.93 8.28
C TYR C 130 6.73 -3.03 8.65
N LEU C 131 5.88 -2.16 8.10
CA LEU C 131 4.42 -2.15 8.43
C LEU C 131 3.65 -2.26 7.12
N SER C 132 2.58 -3.00 7.14
CA SER C 132 1.79 -3.13 5.95
C SER C 132 0.33 -3.37 6.26
N LEU C 133 -0.52 -3.10 5.29
CA LEU C 133 -1.88 -3.51 5.37
C LEU C 133 -1.89 -4.94 4.83
N GLN D 2 12.06 4.33 -11.05
CA GLN D 2 11.64 3.20 -10.18
C GLN D 2 12.63 2.02 -10.27
N SER D 3 12.59 1.14 -9.29
CA SER D 3 13.22 -0.16 -9.43
C SER D 3 12.12 -1.25 -9.42
N GLY D 4 12.54 -2.46 -9.79
CA GLY D 4 11.69 -3.61 -9.72
C GLY D 4 11.54 -4.15 -8.32
N ILE D 5 12.02 -3.41 -7.31
CA ILE D 5 11.93 -3.81 -5.89
C ILE D 5 10.72 -3.16 -5.25
N SER D 6 9.80 -3.97 -4.77
CA SER D 6 8.61 -3.52 -4.06
C SER D 6 9.01 -2.78 -2.76
N GLN D 7 8.23 -1.79 -2.38
CA GLN D 7 8.47 -0.98 -1.20
C GLN D 7 7.46 -1.28 -0.08
N THR D 8 7.76 -0.81 1.12
CA THR D 8 6.86 -0.97 2.28
C THR D 8 7.27 0.10 3.35
N VAL D 9 6.26 0.59 4.07
CA VAL D 9 6.49 1.50 5.16
C VAL D 9 7.46 0.87 6.18
N ILE D 10 8.41 1.66 6.67
CA ILE D 10 9.29 1.20 7.71
C ILE D 10 9.36 2.29 8.76
N VAL D 11 9.17 1.93 10.03
CA VAL D 11 9.30 2.86 11.13
C VAL D 11 10.39 2.45 12.06
N GLY D 12 11.01 3.46 12.67
CA GLY D 12 12.14 3.24 13.55
C GLY D 12 13.33 3.88 12.88
N PRO D 13 14.53 3.60 13.41
CA PRO D 13 14.79 2.70 14.57
C PRO D 13 14.50 3.20 16.00
N TRP D 14 14.27 2.22 16.87
CA TRP D 14 14.33 2.45 18.28
C TRP D 14 15.45 1.72 18.95
N GLY D 15 16.00 2.36 19.97
CA GLY D 15 17.31 2.01 20.51
C GLY D 15 18.09 3.31 20.65
N GLY E 1 -6.23 15.69 -27.19
CA GLY E 1 -7.36 16.21 -26.36
C GLY E 1 -6.72 16.86 -25.16
N LYS E 2 -7.51 17.07 -24.09
CA LYS E 2 -7.04 17.64 -22.85
C LYS E 2 -6.82 16.51 -21.85
N ALA E 3 -5.58 16.35 -21.45
CA ALA E 3 -5.27 15.43 -20.40
C ALA E 3 -5.96 15.85 -19.07
N PHE E 4 -6.37 14.87 -18.26
CA PHE E 4 -6.91 15.13 -16.86
C PHE E 4 -6.28 14.10 -15.93
N ASP E 5 -6.25 14.38 -14.65
CA ASP E 5 -5.76 13.47 -13.69
C ASP E 5 -6.37 13.79 -12.28
N ASP E 6 -7.34 13.01 -11.84
CA ASP E 6 -7.99 13.34 -10.57
C ASP E 6 -7.11 13.03 -9.33
N GLY E 7 -6.14 12.12 -9.50
CA GLY E 7 -5.34 11.62 -8.39
C GLY E 7 -6.16 10.63 -7.60
N ALA E 8 -5.73 10.31 -6.38
CA ALA E 8 -6.29 9.20 -5.59
C ALA E 8 -7.20 9.63 -4.43
N PHE E 9 -8.24 8.90 -4.17
CA PHE E 9 -9.16 9.26 -3.11
C PHE E 9 -9.39 8.02 -2.25
N THR E 10 -10.45 7.98 -1.44
CA THR E 10 -10.61 6.79 -0.65
C THR E 10 -11.72 5.90 -1.17
N GLY E 11 -12.30 6.20 -2.33
CA GLY E 11 -13.34 5.29 -2.94
C GLY E 11 -14.19 6.08 -3.93
N ILE E 12 -15.23 5.46 -4.47
CA ILE E 12 -16.02 6.08 -5.54
C ILE E 12 -17.45 5.97 -5.10
N ARG E 13 -18.15 7.09 -5.17
CA ARG E 13 -19.56 7.16 -4.77
C ARG E 13 -20.47 7.19 -5.99
N GLU E 14 -20.03 7.90 -7.03
CA GLU E 14 -20.84 8.13 -8.15
C GLU E 14 -20.02 8.40 -9.39
N ILE E 15 -20.48 7.83 -10.51
CA ILE E 15 -19.88 8.07 -11.80
C ILE E 15 -20.84 8.77 -12.78
N ASN E 16 -20.44 9.91 -13.34
CA ASN E 16 -21.31 10.52 -14.34
C ASN E 16 -20.53 10.44 -15.64
N LEU E 17 -21.15 9.86 -16.69
CA LEU E 17 -20.44 9.83 -17.97
C LEU E 17 -21.46 10.16 -19.01
N SER E 18 -20.99 10.46 -20.23
CA SER E 18 -21.89 10.66 -21.35
C SER E 18 -21.37 9.87 -22.55
N TYR E 19 -22.27 9.49 -23.43
CA TYR E 19 -21.95 8.66 -24.56
C TYR E 19 -22.86 9.06 -25.80
N ASN E 20 -22.54 8.55 -26.95
CA ASN E 20 -23.47 8.62 -28.03
C ASN E 20 -23.44 7.28 -28.75
N LYS E 21 -24.59 6.72 -29.01
CA LYS E 21 -24.68 5.33 -29.50
C LYS E 21 -24.11 5.11 -30.89
N GLU E 22 -23.58 6.15 -31.52
CA GLU E 22 -22.92 5.99 -32.82
C GLU E 22 -21.46 6.39 -32.80
N THR E 23 -21.03 7.14 -31.78
CA THR E 23 -19.62 7.49 -31.73
C THR E 23 -18.95 6.82 -30.54
N ALA E 24 -18.84 7.57 -29.44
CA ALA E 24 -17.98 7.12 -28.38
C ALA E 24 -18.38 7.73 -27.06
N ILE E 25 -17.60 7.45 -26.00
CA ILE E 25 -17.79 8.02 -24.68
C ILE E 25 -17.39 9.52 -24.78
N GLY E 26 -18.21 10.40 -24.20
CA GLY E 26 -17.90 11.83 -24.18
C GLY E 26 -17.30 12.44 -22.89
N ASP E 27 -18.11 12.65 -21.88
CA ASP E 27 -17.75 13.41 -20.66
C ASP E 27 -17.59 12.37 -19.56
N PHE E 28 -16.89 12.70 -18.50
CA PHE E 28 -16.63 11.78 -17.38
C PHE E 28 -16.42 12.65 -16.19
N GLN E 29 -17.14 12.35 -15.09
CA GLN E 29 -16.99 13.04 -13.81
C GLN E 29 -17.24 12.02 -12.75
N VAL E 30 -16.41 12.05 -11.70
CA VAL E 30 -16.57 11.10 -10.57
C VAL E 30 -16.84 11.86 -9.29
N VAL E 31 -17.82 11.38 -8.52
CA VAL E 31 -17.91 11.81 -7.16
C VAL E 31 -17.18 10.75 -6.31
N TYR E 32 -16.10 11.19 -5.70
CA TYR E 32 -15.28 10.26 -4.95
C TYR E 32 -15.76 10.22 -3.49
N ASP E 33 -15.38 9.21 -2.74
CA ASP E 33 -15.39 9.34 -1.30
C ASP E 33 -14.03 9.91 -0.91
N LEU E 34 -14.04 10.89 0.01
CA LEU E 34 -12.79 11.30 0.64
C LEU E 34 -12.91 11.23 2.16
N ASN E 35 -12.30 10.20 2.72
CA ASN E 35 -12.36 10.04 4.16
C ASN E 35 -13.79 10.07 4.70
N GLY E 36 -14.71 9.50 3.92
CA GLY E 36 -16.07 9.23 4.37
C GLY E 36 -17.06 10.31 4.09
N SER E 37 -16.61 11.33 3.35
CA SER E 37 -17.43 12.44 2.83
C SER E 37 -17.34 12.51 1.30
N PRO E 38 -18.47 12.87 0.60
CA PRO E 38 -18.42 13.01 -0.88
C PRO E 38 -17.35 14.02 -1.30
N TYR E 39 -16.69 13.74 -2.39
CA TYR E 39 -15.83 14.78 -2.98
C TYR E 39 -16.15 14.82 -4.46
N VAL E 40 -16.76 15.92 -4.89
CA VAL E 40 -17.25 16.05 -6.24
C VAL E 40 -16.02 16.37 -7.16
N GLY E 41 -15.58 15.38 -7.93
CA GLY E 41 -14.46 15.52 -8.85
C GLY E 41 -14.67 16.54 -9.98
N GLN E 42 -13.58 16.91 -10.60
CA GLN E 42 -13.69 17.80 -11.76
C GLN E 42 -14.48 17.12 -12.86
N ASN E 43 -15.25 17.90 -13.63
CA ASN E 43 -16.02 17.37 -14.77
C ASN E 43 -15.15 17.43 -16.05
N HIS E 44 -14.80 16.26 -16.57
CA HIS E 44 -13.92 16.17 -17.75
C HIS E 44 -14.85 16.09 -18.93
N LYS E 45 -14.98 17.20 -19.65
N LYS E 45 -14.98 17.19 -19.66
CA LYS E 45 -15.95 17.33 -20.76
CA LYS E 45 -15.96 17.31 -20.75
C LYS E 45 -15.28 17.21 -22.10
C LYS E 45 -15.28 17.21 -22.10
N SER E 46 -15.98 16.57 -23.05
CA SER E 46 -15.64 16.61 -24.46
C SER E 46 -15.60 18.02 -24.99
N PHE E 47 -14.88 18.22 -26.08
CA PHE E 47 -14.82 19.54 -26.74
C PHE E 47 -16.16 19.81 -27.45
N ILE E 48 -16.92 18.76 -27.73
CA ILE E 48 -18.24 18.90 -28.32
C ILE E 48 -19.31 18.51 -27.32
N THR E 49 -20.57 18.75 -27.64
CA THR E 49 -21.67 18.40 -26.76
C THR E 49 -22.75 17.68 -27.58
N GLY E 50 -23.82 17.29 -26.87
CA GLY E 50 -24.91 16.50 -27.47
C GLY E 50 -24.92 15.06 -27.05
N PHE E 51 -24.06 14.73 -26.08
CA PHE E 51 -24.09 13.38 -25.59
C PHE E 51 -25.30 13.05 -24.65
N THR E 52 -25.63 11.77 -24.55
CA THR E 52 -26.59 11.25 -23.57
C THR E 52 -25.89 11.06 -22.21
N PRO E 53 -26.33 11.79 -21.18
CA PRO E 53 -25.68 11.72 -19.88
C PRO E 53 -26.20 10.49 -19.10
N VAL E 54 -25.41 9.98 -18.16
CA VAL E 54 -25.73 8.75 -17.41
C VAL E 54 -25.19 9.01 -16.03
N LYS E 55 -25.98 8.78 -14.99
CA LYS E 55 -25.44 8.84 -13.66
C LYS E 55 -25.47 7.43 -13.03
N ILE E 56 -24.32 6.96 -12.59
CA ILE E 56 -24.21 5.65 -11.85
C ILE E 56 -24.03 6.01 -10.37
N SER E 57 -25.09 5.86 -9.57
CA SER E 57 -25.02 6.20 -8.16
C SER E 57 -24.76 4.93 -7.37
N LEU E 58 -23.58 4.76 -6.79
CA LEU E 58 -23.32 3.49 -6.12
C LEU E 58 -23.82 3.54 -4.68
N ASP E 59 -24.16 2.37 -4.17
CA ASP E 59 -24.51 2.31 -2.76
C ASP E 59 -23.27 2.26 -1.87
N PHE E 60 -22.59 3.40 -1.71
CA PHE E 60 -21.30 3.46 -0.99
C PHE E 60 -21.63 3.39 0.50
N PRO E 61 -20.87 2.60 1.31
CA PRO E 61 -19.61 1.86 0.98
C PRO E 61 -19.74 0.40 0.57
N SER E 62 -20.92 -0.20 0.69
CA SER E 62 -20.98 -1.62 0.39
C SER E 62 -20.89 -1.98 -1.09
N GLU E 63 -21.39 -1.12 -1.96
CA GLU E 63 -21.23 -1.40 -3.41
C GLU E 63 -19.92 -0.82 -3.96
N TYR E 64 -19.14 -1.62 -4.74
CA TYR E 64 -17.87 -1.09 -5.33
C TYR E 64 -17.61 -1.74 -6.65
N ILE E 65 -16.89 -1.05 -7.54
CA ILE E 65 -16.63 -1.55 -8.86
C ILE E 65 -15.63 -2.75 -8.74
N MET E 66 -15.96 -3.87 -9.44
CA MET E 66 -15.11 -5.08 -9.58
C MET E 66 -14.56 -5.28 -10.99
N GLU E 67 -15.15 -4.62 -11.98
CA GLU E 67 -14.60 -4.68 -13.30
C GLU E 67 -15.03 -3.46 -14.07
N VAL E 68 -14.08 -2.91 -14.80
CA VAL E 68 -14.30 -1.88 -15.81
C VAL E 68 -13.94 -2.54 -17.10
N SER E 69 -14.81 -2.46 -18.10
CA SER E 69 -14.45 -3.00 -19.39
C SER E 69 -14.97 -2.04 -20.46
N GLY E 70 -14.63 -2.32 -21.71
CA GLY E 70 -15.04 -1.42 -22.76
C GLY E 70 -14.51 -1.84 -24.10
N TYR E 71 -14.74 -1.01 -25.12
CA TYR E 71 -14.04 -1.19 -26.40
C TYR E 71 -13.32 0.09 -26.77
N THR E 72 -12.09 -0.05 -27.31
CA THR E 72 -11.42 1.04 -28.03
C THR E 72 -11.60 0.81 -29.52
N GLY E 73 -11.64 1.91 -30.29
CA GLY E 73 -11.70 1.82 -31.75
C GLY E 73 -11.63 3.17 -32.43
N ASN E 74 -11.91 3.13 -33.73
CA ASN E 74 -11.81 4.25 -34.61
C ASN E 74 -13.08 5.06 -34.72
N VAL E 75 -12.93 6.34 -34.44
CA VAL E 75 -14.02 7.27 -34.74
C VAL E 75 -13.41 8.45 -35.47
N SER E 76 -13.87 8.73 -36.69
CA SER E 76 -13.34 9.84 -37.49
C SER E 76 -11.81 9.88 -37.64
N GLY E 77 -11.22 8.70 -37.69
CA GLY E 77 -9.77 8.60 -37.75
C GLY E 77 -9.08 8.69 -36.41
N TYR E 78 -9.79 8.54 -35.30
CA TYR E 78 -9.05 8.53 -34.02
C TYR E 78 -9.39 7.30 -33.23
N VAL E 79 -8.42 6.88 -32.43
CA VAL E 79 -8.57 5.78 -31.52
C VAL E 79 -9.16 6.34 -30.26
N VAL E 80 -10.36 5.85 -29.91
CA VAL E 80 -11.02 6.40 -28.77
C VAL E 80 -11.74 5.30 -28.01
N VAL E 81 -12.12 5.60 -26.80
CA VAL E 81 -12.84 4.60 -25.98
C VAL E 81 -14.31 4.69 -26.40
N ARG E 82 -14.76 3.72 -27.19
CA ARG E 82 -16.05 3.73 -27.83
C ARG E 82 -17.13 3.32 -26.80
N SER E 83 -16.69 2.61 -25.73
CA SER E 83 -17.63 1.89 -24.87
C SER E 83 -17.11 1.69 -23.44
N LEU E 84 -17.97 1.81 -22.45
CA LEU E 84 -17.61 1.48 -21.07
C LEU E 84 -18.69 0.69 -20.46
N THR E 85 -18.31 -0.30 -19.65
CA THR E 85 -19.22 -0.98 -18.68
C THR E 85 -18.55 -1.08 -17.33
N PHE E 86 -19.32 -0.77 -16.30
CA PHE E 86 -18.82 -0.82 -14.97
C PHE E 86 -19.60 -1.85 -14.23
N LYS E 87 -18.91 -2.88 -13.74
CA LYS E 87 -19.52 -3.96 -12.95
C LYS E 87 -19.12 -3.92 -11.51
N THR E 88 -20.12 -3.87 -10.64
CA THR E 88 -19.87 -3.93 -9.24
C THR E 88 -20.12 -5.30 -8.59
N ASN E 89 -19.80 -5.41 -7.31
CA ASN E 89 -20.22 -6.60 -6.54
C ASN E 89 -21.75 -6.83 -6.54
N LYS E 90 -22.51 -5.81 -6.98
CA LYS E 90 -23.98 -5.85 -6.90
C LYS E 90 -24.76 -5.73 -8.21
N LYS E 91 -24.26 -4.92 -9.16
CA LYS E 91 -24.95 -4.70 -10.45
C LYS E 91 -23.97 -4.41 -11.54
N THR E 92 -24.48 -4.53 -12.76
CA THR E 92 -23.80 -4.03 -13.96
C THR E 92 -24.41 -2.77 -14.59
N TYR E 93 -23.55 -1.79 -14.81
CA TYR E 93 -23.97 -0.56 -15.45
C TYR E 93 -23.34 -0.50 -16.80
N GLY E 94 -24.18 -0.58 -17.87
CA GLY E 94 -23.71 -0.47 -19.27
C GLY E 94 -24.02 -1.72 -20.07
N PRO E 95 -23.48 -1.84 -21.28
CA PRO E 95 -22.49 -0.94 -21.90
C PRO E 95 -23.11 0.38 -22.34
N TYR E 96 -22.29 1.42 -22.29
CA TYR E 96 -22.67 2.72 -22.70
C TYR E 96 -21.76 2.99 -23.90
N GLY E 97 -22.34 3.27 -25.06
CA GLY E 97 -21.51 3.66 -26.22
C GLY E 97 -21.60 2.64 -27.32
N VAL E 98 -20.51 2.39 -28.01
CA VAL E 98 -20.61 1.49 -29.15
C VAL E 98 -19.68 0.33 -28.88
N THR E 99 -20.25 -0.86 -28.81
CA THR E 99 -19.48 -2.01 -28.35
C THR E 99 -18.78 -2.70 -29.53
N SER E 100 -17.92 -1.98 -30.24
CA SER E 100 -17.09 -2.62 -31.25
C SER E 100 -15.68 -2.03 -31.36
N GLY E 101 -14.77 -2.84 -31.89
CA GLY E 101 -13.32 -2.54 -31.97
C GLY E 101 -12.59 -3.56 -31.11
N THR E 102 -11.67 -3.08 -30.27
CA THR E 102 -10.79 -3.93 -29.48
C THR E 102 -11.23 -3.96 -28.04
N PRO E 103 -11.64 -5.14 -27.54
CA PRO E 103 -12.10 -5.10 -26.15
C PRO E 103 -10.92 -4.84 -25.17
N PHE E 104 -11.24 -4.41 -23.96
CA PHE E 104 -10.30 -4.36 -22.87
C PHE E 104 -11.11 -4.56 -21.60
N ASN E 105 -10.43 -4.97 -20.52
CA ASN E 105 -11.10 -5.11 -19.27
C ASN E 105 -10.15 -5.12 -18.07
N LEU E 106 -10.61 -4.45 -16.99
CA LEU E 106 -9.93 -4.52 -15.73
C LEU E 106 -10.79 -5.19 -14.65
N PRO E 107 -10.68 -6.53 -14.47
CA PRO E 107 -11.36 -7.12 -13.28
C PRO E 107 -10.43 -7.07 -12.09
N ILE E 108 -11.00 -6.95 -10.88
CA ILE E 108 -10.22 -6.78 -9.66
C ILE E 108 -10.69 -7.86 -8.73
N GLU E 109 -9.78 -8.63 -8.17
CA GLU E 109 -10.14 -9.62 -7.18
C GLU E 109 -10.01 -9.01 -5.82
N ASN E 110 -9.16 -8.01 -5.67
CA ASN E 110 -8.93 -7.47 -4.33
C ASN E 110 -8.35 -6.10 -4.46
N GLY E 111 -8.89 -5.21 -3.64
CA GLY E 111 -8.55 -3.81 -3.71
C GLY E 111 -9.57 -2.96 -4.48
N LEU E 112 -9.28 -1.66 -4.62
CA LEU E 112 -10.27 -0.71 -5.15
C LEU E 112 -9.76 0.29 -6.16
N ILE E 113 -10.64 0.66 -7.10
CA ILE E 113 -10.43 1.88 -7.91
C ILE E 113 -10.60 3.13 -7.05
N VAL E 114 -9.55 3.91 -6.96
CA VAL E 114 -9.66 5.13 -6.12
C VAL E 114 -9.41 6.40 -6.91
N GLY E 115 -9.22 6.28 -8.23
CA GLY E 115 -8.83 7.44 -9.05
C GLY E 115 -8.90 7.21 -10.53
N PHE E 116 -9.06 8.29 -11.27
CA PHE E 116 -9.06 8.24 -12.69
C PHE E 116 -8.15 9.31 -13.24
N LYS E 117 -7.51 8.98 -14.34
CA LYS E 117 -6.80 9.96 -15.15
C LYS E 117 -6.95 9.56 -16.59
N GLY E 118 -6.66 10.49 -17.47
CA GLY E 118 -6.73 10.11 -18.87
C GLY E 118 -6.70 11.33 -19.78
N SER E 119 -7.36 11.22 -20.92
CA SER E 119 -7.50 12.37 -21.85
C SER E 119 -8.81 12.36 -22.65
N ILE E 120 -9.40 13.55 -22.82
CA ILE E 120 -10.63 13.68 -23.62
C ILE E 120 -10.50 14.79 -24.65
N GLY E 121 -10.69 14.46 -25.94
CA GLY E 121 -10.85 15.50 -27.00
C GLY E 121 -12.33 15.71 -27.41
N TYR E 122 -12.68 15.38 -28.66
CA TYR E 122 -14.09 15.19 -28.96
C TYR E 122 -14.64 13.99 -28.20
N TRP E 123 -13.83 12.93 -28.07
CA TRP E 123 -14.18 11.77 -27.20
C TRP E 123 -13.09 11.36 -26.22
N LEU E 124 -13.41 10.45 -25.31
CA LEU E 124 -12.44 9.94 -24.33
C LEU E 124 -11.34 9.26 -25.11
N ASP E 125 -10.15 9.87 -25.07
CA ASP E 125 -8.98 9.28 -25.82
C ASP E 125 -8.36 8.01 -25.13
N TYR E 126 -8.00 8.15 -23.87
CA TYR E 126 -7.55 7.01 -23.07
C TYR E 126 -7.80 7.32 -21.61
N PHE E 127 -7.69 6.31 -20.74
CA PHE E 127 -7.83 6.55 -19.28
C PHE E 127 -7.01 5.51 -18.59
N SER E 128 -6.57 5.83 -17.38
CA SER E 128 -5.97 4.88 -16.47
C SER E 128 -6.71 4.94 -15.14
N MET E 129 -6.41 3.97 -14.28
CA MET E 129 -7.08 3.87 -12.95
C MET E 129 -6.06 3.73 -11.84
N TYR E 130 -6.24 4.55 -10.80
CA TYR E 130 -5.53 4.32 -9.54
C TYR E 130 -6.19 3.21 -8.73
N LEU E 131 -5.37 2.25 -8.21
CA LEU E 131 -5.86 1.15 -7.34
C LEU E 131 -5.21 1.19 -5.96
N SER E 132 -5.98 0.85 -4.95
CA SER E 132 -5.46 0.90 -3.60
C SER E 132 -6.24 -0.12 -2.81
N LEU E 133 -5.65 -0.60 -1.74
CA LEU E 133 -6.39 -1.24 -0.68
C LEU E 133 -7.07 -0.17 0.19
N GLN F 2 12.95 10.01 -1.44
CA GLN F 2 12.31 10.62 -2.64
C GLN F 2 11.56 11.91 -2.28
N SER F 3 10.25 11.94 -2.51
CA SER F 3 9.51 13.16 -2.32
C SER F 3 8.47 12.93 -1.21
N GLY F 4 7.83 14.03 -0.84
CA GLY F 4 6.76 14.08 0.13
C GLY F 4 5.43 13.74 -0.50
N ILE F 5 5.43 13.23 -1.73
CA ILE F 5 4.14 12.96 -2.42
C ILE F 5 3.81 11.50 -2.33
N SER F 6 2.69 11.16 -1.71
CA SER F 6 2.26 9.79 -1.57
C SER F 6 2.12 9.14 -2.99
N GLN F 7 2.35 7.85 -3.11
CA GLN F 7 2.06 7.24 -4.39
C GLN F 7 1.13 6.04 -4.40
N THR F 8 0.67 5.67 -5.58
CA THR F 8 -0.42 4.75 -5.69
C THR F 8 -0.15 3.94 -6.95
N VAL F 9 -0.55 2.68 -6.91
CA VAL F 9 -0.54 1.89 -8.11
C VAL F 9 -1.47 2.51 -9.17
N ILE F 10 -1.02 2.54 -10.42
CA ILE F 10 -1.82 3.01 -11.50
C ILE F 10 -1.72 2.04 -12.66
N VAL F 11 -2.90 1.59 -13.09
CA VAL F 11 -2.91 0.78 -14.25
C VAL F 11 -3.62 1.48 -15.38
N GLY F 12 -3.16 1.19 -16.60
CA GLY F 12 -3.61 1.81 -17.85
C GLY F 12 -2.34 2.38 -18.50
N PRO F 13 -2.46 3.19 -19.58
CA PRO F 13 -3.74 3.64 -20.15
C PRO F 13 -4.42 2.59 -21.07
N TRP F 14 -5.75 2.63 -21.22
CA TRP F 14 -6.37 1.96 -22.34
C TRP F 14 -6.91 2.96 -23.33
N GLY F 15 -6.75 2.66 -24.62
CA GLY F 15 -7.26 3.55 -25.70
C GLY F 15 -6.12 4.04 -26.62
N ALA F 16 -6.19 5.29 -27.09
CA ALA F 16 -5.15 5.88 -27.98
C ALA F 16 -3.73 5.85 -27.41
N LYS F 17 -2.76 5.74 -28.34
CA LYS F 17 -1.26 5.87 -28.22
C LYS F 17 -0.48 4.56 -28.46
N GLY G 1 -9.09 -27.12 -14.45
CA GLY G 1 -7.64 -27.13 -14.15
C GLY G 1 -7.37 -27.18 -12.66
N LYS G 2 -6.11 -27.32 -12.29
CA LYS G 2 -5.72 -27.26 -10.89
C LYS G 2 -5.32 -25.83 -10.55
N ALA G 3 -6.04 -25.28 -9.60
CA ALA G 3 -5.77 -23.93 -9.15
C ALA G 3 -4.38 -23.80 -8.52
N PHE G 4 -3.75 -22.66 -8.71
CA PHE G 4 -2.52 -22.42 -7.97
C PHE G 4 -2.57 -20.99 -7.50
N ASP G 5 -1.78 -20.67 -6.48
CA ASP G 5 -1.69 -19.30 -6.00
C ASP G 5 -0.34 -19.22 -5.30
N ASP G 6 0.61 -18.55 -5.93
CA ASP G 6 1.95 -18.34 -5.36
C ASP G 6 1.97 -17.33 -4.22
N GLY G 7 0.96 -16.44 -4.16
CA GLY G 7 1.02 -15.25 -3.26
C GLY G 7 1.87 -14.10 -3.81
N ALA G 8 2.18 -13.20 -2.90
CA ALA G 8 2.94 -11.95 -3.14
C ALA G 8 4.38 -11.96 -2.64
N PHE G 9 5.26 -11.30 -3.39
CA PHE G 9 6.68 -11.31 -3.12
C PHE G 9 7.23 -9.91 -3.26
N THR G 10 8.53 -9.78 -3.44
CA THR G 10 9.12 -8.44 -3.63
C THR G 10 9.31 -7.99 -5.10
N GLY G 11 9.07 -8.87 -6.06
CA GLY G 11 9.48 -8.58 -7.47
C GLY G 11 9.55 -9.90 -8.20
N ILE G 12 9.95 -9.85 -9.48
CA ILE G 12 9.91 -10.94 -10.41
C ILE G 12 11.33 -10.94 -10.99
N ARG G 13 12.02 -12.07 -10.87
CA ARG G 13 13.31 -12.27 -11.50
C ARG G 13 13.23 -13.07 -12.79
N GLU G 14 12.36 -14.07 -12.81
CA GLU G 14 12.30 -14.81 -14.08
C GLU G 14 10.99 -15.51 -14.20
N ILE G 15 10.42 -15.53 -15.40
CA ILE G 15 9.23 -16.33 -15.73
C ILE G 15 9.54 -17.47 -16.70
N ASN G 16 9.12 -18.67 -16.33
CA ASN G 16 9.30 -19.86 -17.15
C ASN G 16 7.90 -20.35 -17.53
N LEU G 17 7.61 -20.45 -18.81
CA LEU G 17 6.28 -20.90 -19.23
C LEU G 17 6.47 -21.81 -20.44
N SER G 18 5.41 -22.45 -20.87
CA SER G 18 5.56 -23.22 -22.15
C SER G 18 4.34 -22.96 -23.00
N TYR G 19 4.48 -23.04 -24.32
CA TYR G 19 3.31 -22.85 -25.17
C TYR G 19 3.32 -23.77 -26.40
N ASN G 20 2.20 -23.76 -27.12
CA ASN G 20 2.10 -24.48 -28.38
C ASN G 20 1.13 -23.64 -29.16
N LYS G 21 1.61 -23.19 -30.31
CA LYS G 21 0.87 -22.25 -31.18
C LYS G 21 -0.47 -22.83 -31.67
N GLU G 22 -0.54 -24.17 -31.73
CA GLU G 22 -1.77 -24.82 -32.11
C GLU G 22 -2.81 -24.76 -31.03
N THR G 23 -2.38 -24.51 -29.79
CA THR G 23 -3.31 -24.54 -28.66
C THR G 23 -3.19 -23.30 -27.79
N ALA G 24 -2.49 -23.40 -26.65
CA ALA G 24 -2.47 -22.33 -25.65
C ALA G 24 -1.20 -22.36 -24.78
N ILE G 25 -1.21 -21.52 -23.76
CA ILE G 25 -0.14 -21.51 -22.74
C ILE G 25 -0.25 -22.84 -21.97
N GLY G 26 0.89 -23.55 -21.80
CA GLY G 26 0.93 -24.76 -20.99
C GLY G 26 1.38 -24.54 -19.55
N ASP G 27 2.66 -24.79 -19.28
CA ASP G 27 3.22 -24.64 -17.96
C ASP G 27 3.51 -23.21 -17.54
N PHE G 28 3.60 -22.97 -16.26
CA PHE G 28 3.87 -21.60 -15.81
C PHE G 28 4.63 -21.72 -14.52
N GLN G 29 5.80 -21.11 -14.44
CA GLN G 29 6.53 -21.10 -13.15
C GLN G 29 7.28 -19.79 -13.03
N VAL G 30 7.47 -19.30 -11.82
CA VAL G 30 8.02 -17.96 -11.68
C VAL G 30 9.12 -18.00 -10.63
N VAL G 31 10.31 -17.55 -10.99
CA VAL G 31 11.27 -17.11 -9.94
C VAL G 31 10.97 -15.65 -9.45
N TYR G 32 10.38 -15.55 -8.25
CA TYR G 32 10.25 -14.22 -7.58
C TYR G 32 11.53 -13.65 -6.95
N ASP G 33 11.47 -12.36 -6.64
CA ASP G 33 12.47 -11.86 -5.73
C ASP G 33 11.81 -11.86 -4.40
N LEU G 34 12.56 -12.22 -3.38
CA LEU G 34 11.98 -12.13 -2.00
C LEU G 34 13.03 -11.39 -1.16
N ASN G 35 12.77 -10.10 -0.92
CA ASN G 35 13.68 -9.29 -0.16
C ASN G 35 15.13 -9.38 -0.67
N GLY G 36 15.30 -9.46 -1.98
CA GLY G 36 16.65 -9.42 -2.52
C GLY G 36 17.18 -10.79 -2.81
N SER G 37 16.42 -11.83 -2.47
CA SER G 37 16.81 -13.18 -2.89
C SER G 37 15.82 -13.86 -3.81
N PRO G 38 16.32 -14.63 -4.80
CA PRO G 38 15.49 -15.44 -5.72
C PRO G 38 14.63 -16.41 -4.92
N TYR G 39 13.30 -16.45 -5.18
CA TYR G 39 12.43 -17.37 -4.53
C TYR G 39 11.85 -18.22 -5.64
N VAL G 40 12.17 -19.51 -5.64
CA VAL G 40 11.81 -20.39 -6.76
C VAL G 40 10.37 -20.88 -6.60
N GLY G 41 9.44 -20.38 -7.41
CA GLY G 41 8.04 -20.66 -7.19
C GLY G 41 7.74 -22.07 -7.66
N GLN G 42 6.75 -22.70 -7.03
CA GLN G 42 6.34 -24.04 -7.45
C GLN G 42 6.06 -24.08 -8.96
N ASN G 43 6.49 -25.13 -9.64
CA ASN G 43 6.24 -25.26 -11.07
C ASN G 43 4.76 -25.76 -11.33
N HIS G 44 4.00 -25.03 -12.12
CA HIS G 44 2.59 -25.37 -12.27
C HIS G 44 2.53 -25.95 -13.65
N LYS G 45 2.12 -27.22 -13.73
CA LYS G 45 2.32 -28.02 -14.95
C LYS G 45 1.01 -28.35 -15.69
N SER G 46 1.05 -28.26 -17.00
CA SER G 46 -0.07 -28.73 -17.82
C SER G 46 -0.21 -30.22 -17.58
N PHE G 47 -1.43 -30.77 -17.57
CA PHE G 47 -1.65 -32.20 -17.47
C PHE G 47 -1.01 -32.92 -18.69
N ILE G 48 -0.62 -32.19 -19.72
CA ILE G 48 -0.23 -32.84 -20.98
C ILE G 48 1.17 -32.39 -21.32
N THR G 49 1.78 -33.03 -22.33
CA THR G 49 3.10 -32.55 -22.80
C THR G 49 2.98 -31.99 -24.22
N GLY G 50 4.12 -31.66 -24.82
CA GLY G 50 4.18 -31.22 -26.18
C GLY G 50 4.48 -29.74 -26.41
N PHE G 51 4.72 -28.98 -25.33
CA PHE G 51 4.89 -27.51 -25.39
C PHE G 51 6.35 -27.07 -25.64
N THR G 52 6.55 -25.87 -26.19
CA THR G 52 7.86 -25.21 -26.26
C THR G 52 8.16 -24.36 -25.01
N PRO G 53 9.30 -24.62 -24.39
CA PRO G 53 9.73 -23.89 -23.19
C PRO G 53 10.11 -22.48 -23.53
N VAL G 54 9.91 -21.58 -22.56
CA VAL G 54 10.37 -20.22 -22.64
C VAL G 54 10.88 -19.87 -21.25
N LYS G 55 12.02 -19.21 -21.18
CA LYS G 55 12.53 -18.67 -19.91
C LYS G 55 12.72 -17.18 -20.17
N ILE G 56 12.00 -16.34 -19.40
CA ILE G 56 12.20 -14.89 -19.51
C ILE G 56 13.00 -14.47 -18.31
N SER G 57 14.30 -14.27 -18.52
CA SER G 57 15.21 -13.99 -17.40
C SER G 57 15.41 -12.48 -17.28
N LEU G 58 14.90 -11.83 -16.26
CA LEU G 58 14.96 -10.35 -16.21
C LEU G 58 16.20 -9.82 -15.52
N ASP G 59 16.76 -8.73 -16.02
CA ASP G 59 17.86 -8.06 -15.32
C ASP G 59 17.31 -7.33 -14.04
N PHE G 60 16.91 -8.11 -13.01
CA PHE G 60 16.38 -7.60 -11.76
C PHE G 60 17.48 -6.90 -10.91
N PRO G 61 17.15 -5.80 -10.22
CA PRO G 61 15.89 -5.03 -10.14
C PRO G 61 15.74 -3.86 -11.16
N SER G 62 16.68 -3.75 -12.11
CA SER G 62 16.76 -2.63 -13.05
C SER G 62 15.67 -2.77 -14.11
N GLU G 63 15.38 -4.02 -14.45
CA GLU G 63 14.33 -4.36 -15.43
C GLU G 63 13.11 -4.97 -14.74
N TYR G 64 11.93 -4.41 -15.07
CA TYR G 64 10.64 -4.85 -14.51
C TYR G 64 9.51 -4.74 -15.53
N ILE G 65 8.49 -5.57 -15.40
CA ILE G 65 7.45 -5.63 -16.40
C ILE G 65 6.58 -4.36 -16.28
N MET G 66 6.46 -3.61 -17.38
CA MET G 66 5.50 -2.53 -17.55
C MET G 66 4.15 -2.89 -18.17
N GLU G 67 4.05 -4.03 -18.84
CA GLU G 67 2.76 -4.47 -19.35
C GLU G 67 2.67 -5.98 -19.56
N VAL G 68 1.56 -6.60 -19.13
CA VAL G 68 1.23 -7.96 -19.51
C VAL G 68 0.05 -7.93 -20.46
N SER G 69 0.14 -8.63 -21.58
CA SER G 69 -1.02 -8.78 -22.47
C SER G 69 -1.09 -10.22 -23.03
N GLY G 70 -2.21 -10.52 -23.68
CA GLY G 70 -2.38 -11.79 -24.35
C GLY G 70 -3.76 -11.96 -24.96
N TYR G 71 -4.10 -13.21 -25.26
CA TYR G 71 -5.41 -13.55 -25.81
C TYR G 71 -6.09 -14.68 -25.07
N THR G 72 -7.39 -14.58 -24.90
CA THR G 72 -8.17 -15.71 -24.47
C THR G 72 -8.93 -16.26 -25.67
N GLY G 73 -9.44 -17.47 -25.57
CA GLY G 73 -10.20 -18.11 -26.65
C GLY G 73 -10.47 -19.58 -26.33
N ASN G 74 -11.18 -20.21 -27.27
CA ASN G 74 -11.50 -21.60 -27.21
C ASN G 74 -10.48 -22.53 -27.81
N VAL G 75 -10.05 -23.52 -27.04
CA VAL G 75 -9.25 -24.62 -27.55
C VAL G 75 -9.97 -25.85 -27.05
N SER G 76 -10.41 -26.69 -27.99
CA SER G 76 -11.13 -27.92 -27.66
C SER G 76 -12.32 -27.65 -26.77
N GLY G 77 -12.98 -26.53 -27.04
CA GLY G 77 -14.17 -26.15 -26.32
C GLY G 77 -13.93 -25.67 -24.90
N TYR G 78 -12.70 -25.27 -24.59
CA TYR G 78 -12.40 -24.64 -23.29
C TYR G 78 -11.97 -23.24 -23.48
N VAL G 79 -12.37 -22.35 -22.57
CA VAL G 79 -11.85 -20.95 -22.64
C VAL G 79 -10.49 -20.97 -21.89
N VAL G 80 -9.43 -20.58 -22.59
CA VAL G 80 -8.09 -20.60 -22.05
C VAL G 80 -7.29 -19.38 -22.46
N VAL G 81 -6.12 -19.21 -21.83
CA VAL G 81 -5.17 -18.19 -22.20
C VAL G 81 -4.31 -18.78 -23.34
N ARG G 82 -4.50 -18.25 -24.56
CA ARG G 82 -3.80 -18.74 -25.76
C ARG G 82 -2.48 -18.12 -25.95
N SER G 83 -2.29 -16.91 -25.42
CA SER G 83 -1.08 -16.17 -25.76
C SER G 83 -0.68 -15.25 -24.63
N LEU G 84 0.61 -14.97 -24.52
CA LEU G 84 1.07 -13.99 -23.48
C LEU G 84 2.24 -13.20 -24.02
N THR G 85 2.33 -11.96 -23.59
CA THR G 85 3.42 -11.08 -23.91
C THR G 85 3.86 -10.26 -22.70
N PHE G 86 5.16 -10.14 -22.46
CA PHE G 86 5.57 -9.41 -21.23
C PHE G 86 6.43 -8.27 -21.69
N LYS G 87 5.95 -7.06 -21.51
CA LYS G 87 6.77 -5.92 -21.89
C LYS G 87 7.44 -5.38 -20.66
N THR G 88 8.76 -5.18 -20.73
CA THR G 88 9.48 -4.53 -19.58
C THR G 88 9.90 -3.12 -19.97
N ASN G 89 10.58 -2.39 -19.06
CA ASN G 89 11.18 -1.10 -19.40
C ASN G 89 12.40 -1.31 -20.28
N LYS G 90 12.73 -2.54 -20.61
CA LYS G 90 13.96 -2.81 -21.38
C LYS G 90 13.68 -3.38 -22.74
N LYS G 91 12.82 -4.40 -22.78
CA LYS G 91 12.42 -4.99 -24.02
C LYS G 91 11.08 -5.71 -23.90
N THR G 92 10.63 -6.35 -24.98
CA THR G 92 9.37 -7.07 -25.01
C THR G 92 9.58 -8.54 -25.18
N TYR G 93 9.01 -9.35 -24.29
CA TYR G 93 9.12 -10.80 -24.39
C TYR G 93 7.84 -11.38 -24.90
N GLY G 94 7.87 -11.95 -26.12
CA GLY G 94 6.63 -12.48 -26.67
C GLY G 94 6.25 -11.80 -27.97
N PRO G 95 5.06 -12.11 -28.52
CA PRO G 95 4.03 -13.07 -28.07
C PRO G 95 4.43 -14.55 -28.02
N TYR G 96 3.97 -15.24 -26.99
CA TYR G 96 4.07 -16.69 -26.91
C TYR G 96 2.68 -17.22 -27.04
N GLY G 97 2.42 -17.99 -28.12
CA GLY G 97 1.09 -18.57 -28.32
C GLY G 97 0.34 -17.69 -29.30
N VAL G 98 -0.52 -18.29 -30.11
CA VAL G 98 -1.14 -17.55 -31.18
C VAL G 98 -1.95 -16.40 -30.65
N THR G 99 -1.93 -15.31 -31.38
CA THR G 99 -2.60 -14.08 -31.02
C THR G 99 -4.03 -13.89 -31.63
N SER G 100 -4.86 -14.94 -31.55
CA SER G 100 -6.28 -14.81 -31.91
C SER G 100 -7.16 -15.09 -30.73
N GLY G 101 -8.34 -14.49 -30.77
CA GLY G 101 -9.36 -14.72 -29.77
C GLY G 101 -9.69 -13.36 -29.21
N THR G 102 -9.95 -13.29 -27.92
CA THR G 102 -10.20 -12.04 -27.26
C THR G 102 -8.91 -11.53 -26.64
N PRO G 103 -8.44 -10.33 -27.07
CA PRO G 103 -7.29 -9.69 -26.40
C PRO G 103 -7.60 -9.16 -25.02
N PHE G 104 -6.58 -9.21 -24.16
CA PHE G 104 -6.62 -8.51 -22.88
C PHE G 104 -5.29 -7.82 -22.70
N ASN G 105 -5.29 -6.80 -21.86
CA ASN G 105 -4.01 -6.21 -21.50
C ASN G 105 -4.04 -5.44 -20.21
N LEU G 106 -2.91 -5.52 -19.51
CA LEU G 106 -2.74 -4.78 -18.29
C LEU G 106 -1.45 -3.97 -18.34
N PRO G 107 -1.51 -2.68 -18.83
CA PRO G 107 -0.30 -1.85 -18.74
C PRO G 107 -0.20 -1.28 -17.33
N ILE G 108 1.01 -0.97 -16.87
CA ILE G 108 1.17 -0.47 -15.51
C ILE G 108 1.85 0.86 -15.64
N GLU G 109 1.23 1.88 -15.09
CA GLU G 109 1.89 3.16 -15.09
C GLU G 109 2.80 3.33 -13.89
N ASN G 110 2.32 2.93 -12.73
CA ASN G 110 3.10 3.00 -11.49
C ASN G 110 2.80 1.75 -10.65
N GLY G 111 3.84 1.05 -10.21
CA GLY G 111 3.57 -0.16 -9.45
C GLY G 111 4.22 -1.38 -10.05
N LEU G 112 4.13 -2.49 -9.35
CA LEU G 112 4.88 -3.67 -9.77
C LEU G 112 4.01 -4.91 -9.72
N ILE G 113 4.22 -5.82 -10.66
CA ILE G 113 3.72 -7.19 -10.49
C ILE G 113 4.56 -7.94 -9.47
N VAL G 114 3.89 -8.42 -8.44
CA VAL G 114 4.59 -9.14 -7.36
C VAL G 114 4.14 -10.55 -7.13
N GLY G 115 3.21 -11.05 -7.95
CA GLY G 115 2.82 -12.45 -7.76
C GLY G 115 1.85 -12.89 -8.81
N PHE G 116 1.71 -14.21 -8.96
CA PHE G 116 0.76 -14.82 -9.96
C PHE G 116 -0.11 -15.85 -9.22
N LYS G 117 -1.39 -15.91 -9.59
CA LYS G 117 -2.23 -17.00 -9.22
C LYS G 117 -3.08 -17.42 -10.47
N GLY G 118 -3.71 -18.59 -10.40
CA GLY G 118 -4.51 -19.01 -11.56
C GLY G 118 -4.89 -20.46 -11.56
N SER G 119 -5.10 -21.03 -12.73
CA SER G 119 -5.47 -22.42 -12.79
C SER G 119 -5.00 -23.01 -14.09
N ILE G 120 -4.41 -24.20 -14.00
CA ILE G 120 -3.87 -24.86 -15.28
C ILE G 120 -4.40 -26.29 -15.45
N GLY G 121 -4.96 -26.57 -16.62
CA GLY G 121 -5.59 -27.81 -16.94
C GLY G 121 -4.71 -28.50 -17.91
N TYR G 122 -5.22 -28.84 -19.11
CA TYR G 122 -4.32 -29.01 -20.28
C TYR G 122 -3.56 -27.70 -20.59
N TRP G 123 -4.28 -26.59 -20.39
CA TRP G 123 -3.79 -25.25 -20.68
C TRP G 123 -3.97 -24.34 -19.49
N LEU G 124 -3.31 -23.19 -19.58
CA LEU G 124 -3.58 -22.08 -18.64
C LEU G 124 -5.08 -21.66 -18.67
N ASP G 125 -5.86 -21.96 -17.62
CA ASP G 125 -7.32 -21.66 -17.69
C ASP G 125 -7.59 -20.20 -17.47
N TYR G 126 -6.90 -19.62 -16.48
CA TYR G 126 -7.03 -18.18 -16.20
C TYR G 126 -5.91 -17.84 -15.27
N PHE G 127 -5.67 -16.55 -15.07
CA PHE G 127 -4.63 -16.08 -14.17
C PHE G 127 -4.93 -14.67 -13.69
N SER G 128 -4.40 -14.30 -12.52
CA SER G 128 -4.45 -12.99 -11.94
C SER G 128 -3.08 -12.63 -11.49
N MET G 129 -2.87 -11.33 -11.22
CA MET G 129 -1.57 -10.84 -10.80
C MET G 129 -1.80 -9.95 -9.57
N TYR G 130 -0.96 -10.16 -8.56
CA TYR G 130 -0.80 -9.29 -7.38
C TYR G 130 0.01 -8.06 -7.78
N LEU G 131 -0.46 -6.88 -7.39
CA LEU G 131 0.26 -5.66 -7.68
C LEU G 131 0.60 -4.94 -6.42
N SER G 132 1.75 -4.27 -6.43
CA SER G 132 2.11 -3.53 -5.27
C SER G 132 3.02 -2.41 -5.71
N LEU G 133 3.12 -1.36 -4.91
CA LEU G 133 4.20 -0.37 -4.99
C LEU G 133 5.49 -1.05 -4.48
N SER H 3 -7.29 -10.08 11.40
CA SER H 3 -6.39 -11.15 10.88
C SER H 3 -4.96 -10.67 10.70
N GLY H 4 -4.04 -11.55 11.05
CA GLY H 4 -2.63 -11.31 10.89
C GLY H 4 -2.15 -11.45 9.43
N ILE H 5 -3.03 -11.55 8.47
CA ILE H 5 -2.61 -11.89 7.11
C ILE H 5 -2.54 -10.57 6.35
N SER H 6 -1.35 -10.18 5.94
CA SER H 6 -1.18 -8.99 5.13
C SER H 6 -1.90 -9.11 3.77
N GLN H 7 -2.24 -7.99 3.15
CA GLN H 7 -3.08 -7.97 1.95
C GLN H 7 -2.37 -7.23 0.81
N THR H 8 -2.80 -7.55 -0.39
CA THR H 8 -2.24 -6.94 -1.60
C THR H 8 -3.37 -6.77 -2.60
N VAL H 9 -3.24 -5.78 -3.48
CA VAL H 9 -4.15 -5.64 -4.58
C VAL H 9 -3.98 -6.85 -5.50
N ILE H 10 -5.09 -7.37 -6.00
CA ILE H 10 -5.02 -8.38 -7.06
C ILE H 10 -5.93 -8.00 -8.23
N VAL H 11 -5.34 -7.91 -9.42
CA VAL H 11 -6.10 -7.79 -10.63
C VAL H 11 -6.27 -9.10 -11.41
N GLY H 12 -7.40 -9.18 -12.09
CA GLY H 12 -7.78 -10.40 -12.71
C GLY H 12 -9.07 -10.97 -12.18
N PRO H 13 -9.40 -12.20 -12.62
CA PRO H 13 -8.67 -13.06 -13.57
C PRO H 13 -8.99 -12.81 -15.04
N TRP H 14 -8.09 -13.18 -15.92
CA TRP H 14 -8.32 -13.20 -17.33
C TRP H 14 -8.30 -14.66 -17.75
N GLY H 15 -9.32 -15.11 -18.49
CA GLY H 15 -9.40 -16.49 -19.01
C GLY H 15 -10.79 -17.02 -18.74
N ALA H 16 -10.90 -18.31 -18.43
CA ALA H 16 -12.22 -18.91 -18.16
C ALA H 16 -12.83 -18.41 -16.82
N LYS H 17 -14.16 -18.51 -16.67
CA LYS H 17 -14.80 -18.21 -15.36
C LYS H 17 -14.36 -19.06 -14.14
#